data_5IZE
#
_entry.id   5IZE
#
_cell.length_a   41.200
_cell.length_b   76.150
_cell.length_c   63.720
_cell.angle_alpha   90.00
_cell.angle_beta   103.97
_cell.angle_gamma   90.00
#
_symmetry.space_group_name_H-M   'P 1 21 1'
#
loop_
_entity.id
_entity.type
_entity.pdbx_description
1 polymer 'RNA-directed RNA polymerase L'
2 non-polymer 'MANGANESE (III) ION'
3 water water
#
_entity_poly.entity_id   1
_entity_poly.type   'polypeptide(L)'
_entity_poly.pdbx_seq_one_letter_code
;GMDKYREIHNKLKEFSPGTLTAVECIDYLDRLYAVRHDIVDQMIKHDWSDNKDSEEAIGKVLLFAGVPSNIITALEKKII
PNHPTGKSLKAFFKMTPDNYKISGTTIEFVEVTVTADVDKGIREKKLKYEAGLTYIEQELHKFFLKGEIPQPYKITFNVV
AVRTDGSNITTQWPSRRNDG
;
_entity_poly.pdbx_strand_id   A,B
#
# COMPACT_ATOMS: atom_id res chain seq x y z
N GLY A 1 -14.05 32.38 14.47
CA GLY A 1 -13.45 31.68 13.28
C GLY A 1 -14.40 31.66 12.10
N MET A 2 -15.53 30.98 12.28
CA MET A 2 -16.64 30.99 11.31
C MET A 2 -17.54 32.24 11.40
N ASP A 3 -17.34 33.09 12.40
CA ASP A 3 -18.14 34.32 12.58
C ASP A 3 -17.89 35.23 11.42
N LYS A 4 -16.63 35.42 11.21
CA LYS A 4 -16.06 36.13 10.09
C LYS A 4 -16.66 35.69 8.76
N TYR A 5 -16.71 34.40 8.54
CA TYR A 5 -17.22 33.82 7.30
C TYR A 5 -18.74 33.90 7.20
N ARG A 6 -19.43 33.81 8.33
CA ARG A 6 -20.86 34.07 8.39
C ARG A 6 -21.18 35.50 7.92
N GLU A 7 -20.40 36.47 8.39
CA GLU A 7 -20.57 37.87 8.00
C GLU A 7 -20.25 38.11 6.53
N ILE A 8 -19.15 37.55 6.05
CA ILE A 8 -18.78 37.66 4.64
C ILE A 8 -19.87 37.04 3.78
N HIS A 9 -20.31 35.85 4.17
CA HIS A 9 -21.33 35.14 3.40
C HIS A 9 -22.58 36.01 3.24
N ASN A 10 -23.02 36.62 4.32
CA ASN A 10 -24.26 37.40 4.28
C ASN A 10 -24.16 38.69 3.47
N LYS A 11 -22.94 39.13 3.19
CA LYS A 11 -22.71 40.24 2.28
C LYS A 11 -22.69 39.83 0.79
N LEU A 12 -22.66 38.53 0.50
CA LEU A 12 -22.67 38.07 -0.89
C LEU A 12 -24.02 38.33 -1.56
N LYS A 13 -25.10 38.30 -0.78
CA LYS A 13 -26.45 38.69 -1.22
C LYS A 13 -26.88 37.85 -2.43
N GLU A 14 -27.07 38.44 -3.61
CA GLU A 14 -27.47 37.69 -4.81
C GLU A 14 -26.49 36.57 -5.23
N PHE A 15 -25.23 36.70 -4.88
CA PHE A 15 -24.22 35.68 -5.23
C PHE A 15 -24.09 34.54 -4.23
N SER A 16 -24.80 34.60 -3.11
CA SER A 16 -25.07 33.41 -2.32
C SER A 16 -26.43 33.54 -1.65
N PRO A 17 -27.50 33.26 -2.41
CA PRO A 17 -28.84 33.57 -1.93
C PRO A 17 -29.37 32.64 -0.85
N GLY A 18 -28.73 31.50 -0.61
CA GLY A 18 -29.10 30.60 0.48
C GLY A 18 -28.32 30.89 1.75
N THR A 19 -29.01 30.85 2.89
CA THR A 19 -28.38 30.86 4.22
C THR A 19 -27.22 29.85 4.30
N LEU A 20 -26.16 30.22 4.99
CA LEU A 20 -25.01 29.33 5.18
C LEU A 20 -25.46 28.01 5.83
N THR A 21 -25.06 26.88 5.24
CA THR A 21 -25.42 25.54 5.77
C THR A 21 -24.37 24.93 6.71
N ALA A 22 -24.79 23.94 7.50
CA ALA A 22 -23.87 23.25 8.42
C ALA A 22 -22.77 22.52 7.67
N VAL A 23 -23.14 21.84 6.59
CA VAL A 23 -22.20 21.06 5.79
C VAL A 23 -21.15 22.00 5.18
N GLU A 24 -21.57 23.15 4.68
CA GLU A 24 -20.64 24.18 4.19
C GLU A 24 -19.63 24.56 5.24
N CYS A 25 -20.15 24.91 6.42
CA CYS A 25 -19.32 25.37 7.51
C CYS A 25 -18.27 24.35 7.93
N ILE A 26 -18.67 23.08 7.96
CA ILE A 26 -17.76 22.00 8.31
C ILE A 26 -16.64 21.90 7.26
N ASP A 27 -17.00 21.94 5.98
CA ASP A 27 -16.01 21.99 4.88
C ASP A 27 -15.06 23.17 5.03
N TYR A 28 -15.62 24.34 5.32
CA TYR A 28 -14.78 25.55 5.42
C TYR A 28 -13.85 25.45 6.62
N LEU A 29 -14.34 24.95 7.75
CA LEU A 29 -13.48 24.70 8.92
C LEU A 29 -12.33 23.75 8.60
N ASP A 30 -12.65 22.67 7.89
CA ASP A 30 -11.64 21.72 7.43
C ASP A 30 -10.55 22.40 6.56
N ARG A 31 -10.96 23.31 5.68
CA ARG A 31 -10.01 24.06 4.86
C ARG A 31 -9.12 24.93 5.73
N LEU A 32 -9.69 25.55 6.75
CA LEU A 32 -8.92 26.39 7.67
C LEU A 32 -7.92 25.54 8.47
N TYR A 33 -8.34 24.36 8.92
CA TYR A 33 -7.44 23.45 9.65
C TYR A 33 -6.28 22.95 8.81
N ALA A 34 -6.55 22.69 7.53
CA ALA A 34 -5.52 22.24 6.59
C ALA A 34 -4.45 23.32 6.40
N VAL A 35 -4.90 24.59 6.36
CA VAL A 35 -3.96 25.70 6.23
C VAL A 35 -3.16 25.89 7.50
N ARG A 36 -3.83 25.74 8.64
CA ARG A 36 -3.11 25.80 9.90
C ARG A 36 -2.03 24.71 9.96
N HIS A 37 -2.37 23.51 9.54
CA HIS A 37 -1.40 22.41 9.51
C HIS A 37 -0.20 22.79 8.66
N ASP A 38 -0.49 23.27 7.46
CA ASP A 38 0.58 23.58 6.51
C ASP A 38 1.47 24.74 6.95
N ILE A 39 0.89 25.73 7.60
CA ILE A 39 1.70 26.85 8.11
C ILE A 39 2.64 26.35 9.20
N VAL A 40 2.12 25.58 10.15
CA VAL A 40 2.96 25.09 11.26
C VAL A 40 4.04 24.13 10.71
N ASP A 41 3.66 23.31 9.74
CA ASP A 41 4.62 22.45 9.05
C ASP A 41 5.73 23.28 8.36
N GLN A 42 5.36 24.36 7.68
CA GLN A 42 6.32 25.27 7.07
C GLN A 42 7.26 25.91 8.10
N MET A 43 6.72 26.23 9.28
CA MET A 43 7.54 26.81 10.36
C MET A 43 8.68 25.88 10.76
N ILE A 44 8.35 24.61 10.91
CA ILE A 44 9.33 23.57 11.26
C ILE A 44 10.33 23.38 10.12
N LYS A 45 9.81 23.39 8.89
CA LYS A 45 10.66 23.25 7.71
C LYS A 45 11.65 24.40 7.56
N HIS A 46 11.24 25.58 7.98
CA HIS A 46 12.09 26.76 7.81
C HIS A 46 13.43 26.62 8.54
N ASP A 47 13.38 26.14 9.76
CA ASP A 47 14.61 26.15 10.59
C ASP A 47 14.92 24.87 11.36
N TRP A 48 14.19 23.79 11.08
CA TRP A 48 14.48 22.49 11.71
C TRP A 48 14.70 21.39 10.69
N SER A 49 13.75 21.21 9.76
CA SER A 49 13.73 20.04 8.91
C SER A 49 14.86 20.03 7.89
N ASP A 50 15.35 18.83 7.57
CA ASP A 50 16.23 18.67 6.42
C ASP A 50 15.44 18.81 5.13
N ASN A 51 14.17 18.41 5.16
CA ASN A 51 13.30 18.50 3.98
C ASN A 51 12.55 19.83 3.95
N LYS A 52 13.13 20.79 3.25
CA LYS A 52 12.61 22.16 3.25
C LYS A 52 11.38 22.33 2.38
N ASP A 53 11.19 21.43 1.40
CA ASP A 53 10.14 21.60 0.39
C ASP A 53 8.91 20.74 0.65
N SER A 54 9.10 19.43 0.74
CA SER A 54 7.95 18.58 0.99
C SER A 54 8.30 17.42 1.88
N GLU A 55 7.27 16.73 2.36
CA GLU A 55 7.43 15.48 3.09
C GLU A 55 8.09 14.41 2.21
N GLU A 56 8.82 13.52 2.83
CA GLU A 56 9.67 12.57 2.14
C GLU A 56 9.30 11.18 2.59
N ALA A 57 9.39 10.20 1.68
CA ALA A 57 9.13 8.80 2.02
C ALA A 57 10.21 8.24 2.95
N ILE A 58 9.79 7.45 3.93
CA ILE A 58 10.70 6.88 4.94
C ILE A 58 11.86 6.11 4.30
N GLY A 59 11.58 5.33 3.26
CA GLY A 59 12.66 4.60 2.54
C GLY A 59 13.74 5.52 1.99
N LYS A 60 13.32 6.67 1.49
CA LYS A 60 14.23 7.69 0.95
C LYS A 60 15.06 8.33 2.05
N VAL A 61 14.42 8.64 3.18
CA VAL A 61 15.14 9.21 4.33
C VAL A 61 16.25 8.27 4.79
N LEU A 62 15.94 6.97 4.82
CA LEU A 62 16.95 5.96 5.20
C LEU A 62 18.16 5.99 4.27
N LEU A 63 17.90 6.10 2.98
CA LEU A 63 18.98 6.27 1.99
C LEU A 63 19.79 7.55 2.25
N PHE A 64 19.09 8.68 2.46
CA PHE A 64 19.74 9.94 2.78
C PHE A 64 20.60 9.84 4.05
N ALA A 65 20.16 9.03 5.01
CA ALA A 65 20.89 8.82 6.26
C ALA A 65 22.05 7.84 6.16
N GLY A 66 22.30 7.28 4.97
CA GLY A 66 23.43 6.41 4.75
C GLY A 66 23.16 4.93 4.85
N VAL A 67 21.88 4.53 4.92
CA VAL A 67 21.56 3.10 4.95
C VAL A 67 21.79 2.59 3.52
N PRO A 68 22.61 1.53 3.38
CA PRO A 68 22.88 1.05 2.00
C PRO A 68 21.62 0.52 1.30
N SER A 69 21.59 0.71 0.00
CA SER A 69 20.44 0.31 -0.79
C SER A 69 20.15 -1.19 -0.65
N ASN A 70 21.18 -2.03 -0.54
CA ASN A 70 20.96 -3.49 -0.35
C ASN A 70 20.29 -3.82 0.99
N ILE A 71 20.61 -3.01 2.01
CA ILE A 71 19.98 -3.18 3.35
C ILE A 71 18.50 -2.80 3.30
N ILE A 72 18.21 -1.69 2.61
CA ILE A 72 16.82 -1.27 2.43
C ILE A 72 16.03 -2.35 1.70
N THR A 73 16.60 -2.91 0.63
CA THR A 73 15.94 -4.00 -0.07
C THR A 73 15.65 -5.19 0.85
N ALA A 74 16.65 -5.61 1.63
CA ALA A 74 16.49 -6.71 2.58
C ALA A 74 15.35 -6.46 3.58
N LEU A 75 15.26 -5.22 4.05
CA LEU A 75 14.23 -4.84 5.04
C LEU A 75 12.80 -4.92 4.51
N GLU A 76 12.62 -4.67 3.22
CA GLU A 76 11.27 -4.60 2.61
C GLU A 76 10.30 -5.77 2.86
N LYS A 77 10.83 -7.00 2.90
CA LYS A 77 9.99 -8.21 3.06
C LYS A 77 9.51 -8.41 4.48
N LYS A 78 10.12 -7.71 5.45
CA LYS A 78 9.81 -7.96 6.86
C LYS A 78 8.47 -7.36 7.25
N ILE A 79 7.75 -8.04 8.13
CA ILE A 79 6.46 -7.57 8.64
C ILE A 79 6.69 -6.90 10.00
N ILE A 80 6.10 -5.74 10.18
CA ILE A 80 6.29 -4.95 11.41
C ILE A 80 5.57 -5.67 12.55
N PRO A 81 6.30 -6.04 13.63
CA PRO A 81 5.61 -6.60 14.79
C PRO A 81 4.65 -5.64 15.49
N ASN A 82 3.52 -6.21 15.76
CA ASN A 82 2.48 -5.51 16.46
C ASN A 82 1.98 -4.27 15.72
N HIS A 83 2.01 -4.28 14.39
CA HIS A 83 1.41 -3.23 13.59
C HIS A 83 -0.12 -3.48 13.57
N PRO A 84 -0.96 -2.43 13.72
CA PRO A 84 -2.41 -2.66 13.76
C PRO A 84 -3.06 -3.33 12.54
N THR A 85 -2.41 -3.27 11.38
CA THR A 85 -2.82 -3.97 10.16
C THR A 85 -1.78 -4.91 9.51
N GLY A 86 -0.75 -5.32 10.27
CA GLY A 86 0.28 -6.24 9.76
C GLY A 86 1.05 -5.76 8.52
N LYS A 87 1.30 -4.46 8.47
CA LYS A 87 1.96 -3.80 7.35
C LYS A 87 3.42 -4.24 7.23
N SER A 88 3.88 -4.40 5.99
CA SER A 88 5.27 -4.76 5.69
C SER A 88 6.11 -3.48 5.64
N LEU A 89 7.42 -3.62 5.79
CA LEU A 89 8.29 -2.46 5.61
C LEU A 89 8.29 -1.91 4.20
N LYS A 90 8.08 -2.76 3.18
CA LYS A 90 7.93 -2.26 1.81
C LYS A 90 6.82 -1.21 1.70
N ALA A 91 5.70 -1.45 2.36
CA ALA A 91 4.58 -0.48 2.38
C ALA A 91 4.94 0.71 3.28
N PHE A 92 5.43 0.40 4.47
CA PHE A 92 5.79 1.44 5.45
C PHE A 92 6.83 2.43 4.93
N PHE A 93 7.79 1.94 4.13
CA PHE A 93 8.80 2.82 3.51
C PHE A 93 8.24 3.85 2.54
N LYS A 94 7.03 3.63 2.04
CA LYS A 94 6.37 4.63 1.18
C LYS A 94 5.69 5.76 1.93
N MET A 95 5.52 5.59 3.22
CA MET A 95 4.81 6.60 4.01
C MET A 95 5.69 7.81 4.24
N THR A 96 5.05 8.95 4.43
CA THR A 96 5.68 10.27 4.35
C THR A 96 5.35 11.12 5.59
N PRO A 97 6.06 10.89 6.69
CA PRO A 97 5.91 11.82 7.82
C PRO A 97 6.29 13.24 7.40
N ASP A 98 5.71 14.24 8.06
CA ASP A 98 5.86 15.62 7.63
C ASP A 98 7.30 16.10 7.54
N ASN A 99 8.10 15.78 8.57
CA ASN A 99 9.43 16.37 8.73
C ASN A 99 10.41 15.34 9.22
N TYR A 100 11.65 15.46 8.75
CA TYR A 100 12.74 14.69 9.31
C TYR A 100 14.01 15.52 9.42
N LYS A 101 14.90 15.06 10.28
CA LYS A 101 16.23 15.69 10.44
C LYS A 101 17.21 14.58 10.75
N ILE A 102 18.27 14.53 9.97
CA ILE A 102 19.30 13.51 10.12
C ILE A 102 20.50 14.17 10.80
N SER A 103 20.97 13.58 11.88
CA SER A 103 22.21 13.99 12.56
C SER A 103 23.06 12.74 12.67
N GLY A 104 23.88 12.50 11.65
CA GLY A 104 24.68 11.28 11.58
C GLY A 104 23.79 10.08 11.35
N THR A 105 23.78 9.14 12.29
CA THR A 105 22.87 8.01 12.23
C THR A 105 21.69 8.16 13.20
N THR A 106 21.47 9.37 13.72
CA THR A 106 20.21 9.69 14.37
C THR A 106 19.25 10.32 13.39
N ILE A 107 18.06 9.74 13.28
CA ILE A 107 17.05 10.25 12.37
C ILE A 107 15.84 10.61 13.24
N GLU A 108 15.46 11.89 13.22
CA GLU A 108 14.32 12.37 13.96
C GLU A 108 13.18 12.64 13.00
N PHE A 109 11.99 12.20 13.33
CA PHE A 109 10.79 12.52 12.56
C PHE A 109 9.84 13.36 13.41
N VAL A 110 9.24 14.36 12.80
CA VAL A 110 8.20 15.20 13.44
C VAL A 110 6.98 15.26 12.53
N GLU A 111 5.87 14.75 13.04
CA GLU A 111 4.58 14.78 12.35
C GLU A 111 3.71 15.85 13.00
N VAL A 112 3.13 16.70 12.16
CA VAL A 112 2.20 17.73 12.59
C VAL A 112 0.76 17.21 12.44
N THR A 113 -0.05 17.41 13.47
CA THR A 113 -1.47 17.19 13.38
C THR A 113 -2.26 18.40 13.92
N VAL A 114 -3.35 18.75 13.24
CA VAL A 114 -4.26 19.79 13.72
C VAL A 114 -5.55 19.05 14.09
N THR A 115 -5.94 19.16 15.35
CA THR A 115 -6.96 18.30 15.91
C THR A 115 -7.72 19.04 17.02
N ALA A 116 -8.99 18.69 17.17
CA ALA A 116 -9.82 19.20 18.25
C ALA A 116 -9.48 18.50 19.57
N ASP A 117 -8.90 17.31 19.48
CA ASP A 117 -8.58 16.46 20.63
C ASP A 117 -7.12 16.05 20.49
N VAL A 118 -6.23 16.78 21.20
CA VAL A 118 -4.79 16.53 21.14
C VAL A 118 -4.40 15.08 21.49
N ASP A 119 -4.97 14.53 22.55
CA ASP A 119 -4.65 13.18 22.97
C ASP A 119 -4.98 12.16 21.85
N LYS A 120 -6.13 12.35 21.23
CA LYS A 120 -6.58 11.50 20.15
C LYS A 120 -5.67 11.63 18.94
N GLY A 121 -5.38 12.88 18.57
CA GLY A 121 -4.51 13.19 17.41
C GLY A 121 -3.11 12.60 17.55
N ILE A 122 -2.53 12.76 18.74
CA ILE A 122 -1.23 12.15 19.05
C ILE A 122 -1.31 10.64 18.95
N ARG A 123 -2.33 10.04 19.59
CA ARG A 123 -2.50 8.58 19.55
C ARG A 123 -2.60 8.06 18.10
N GLU A 124 -3.38 8.76 17.27
CA GLU A 124 -3.57 8.38 15.84
C GLU A 124 -2.23 8.36 15.07
N LYS A 125 -1.44 9.41 15.27
CA LYS A 125 -0.15 9.53 14.57
C LYS A 125 0.87 8.50 15.05
N LYS A 126 0.94 8.30 16.37
CA LYS A 126 1.77 7.23 16.92
C LYS A 126 1.36 5.87 16.38
N LEU A 127 0.06 5.62 16.28
CA LEU A 127 -0.43 4.33 15.77
C LEU A 127 0.01 4.07 14.32
N LYS A 128 0.11 5.16 13.56
CA LYS A 128 0.52 5.13 12.18
C LYS A 128 2.02 4.82 12.02
N TYR A 129 2.85 5.46 12.83
CA TYR A 129 4.31 5.50 12.58
C TYR A 129 5.20 4.81 13.55
N GLU A 130 4.76 4.66 14.75
CA GLU A 130 5.71 4.36 15.77
C GLU A 130 6.22 2.90 15.79
N ALA A 131 5.35 1.92 15.65
CA ALA A 131 5.79 0.51 15.59
C ALA A 131 6.76 0.29 14.43
N GLY A 132 6.46 0.90 13.29
CA GLY A 132 7.28 0.74 12.08
C GLY A 132 8.67 1.32 12.27
N LEU A 133 8.74 2.52 12.82
CA LEU A 133 10.03 3.19 13.05
C LEU A 133 10.88 2.48 14.09
N THR A 134 10.23 1.99 15.15
CA THR A 134 10.90 1.21 16.17
C THR A 134 11.48 -0.06 15.58
N TYR A 135 10.70 -0.73 14.74
CA TYR A 135 11.13 -1.97 14.10
C TYR A 135 12.31 -1.75 13.17
N ILE A 136 12.26 -0.68 12.38
CA ILE A 136 13.40 -0.29 11.54
C ILE A 136 14.67 -0.13 12.38
N GLU A 137 14.57 0.58 13.49
CA GLU A 137 15.72 0.74 14.38
C GLU A 137 16.27 -0.61 14.86
N GLN A 138 15.37 -1.49 15.30
CA GLN A 138 15.76 -2.81 15.79
C GLN A 138 16.51 -3.60 14.72
N GLU A 139 15.96 -3.59 13.50
CA GLU A 139 16.53 -4.36 12.38
C GLU A 139 17.84 -3.77 11.88
N LEU A 140 17.94 -2.45 11.81
CA LEU A 140 19.22 -1.82 11.47
C LEU A 140 20.29 -2.18 12.48
N HIS A 141 19.91 -2.26 13.77
CA HIS A 141 20.88 -2.58 14.82
C HIS A 141 21.42 -3.99 14.63
N LYS A 142 20.56 -4.93 14.25
CA LYS A 142 20.98 -6.30 13.94
C LYS A 142 22.03 -6.31 12.83
N PHE A 143 21.81 -5.52 11.79
CA PHE A 143 22.78 -5.40 10.70
C PHE A 143 24.12 -4.86 11.20
N PHE A 144 24.06 -3.87 12.08
CA PHE A 144 25.28 -3.36 12.71
C PHE A 144 26.01 -4.42 13.51
N LEU A 145 25.28 -5.20 14.30
CA LEU A 145 25.89 -6.24 15.15
C LEU A 145 26.54 -7.34 14.32
N LYS A 146 25.98 -7.59 13.12
CA LYS A 146 26.57 -8.50 12.13
C LYS A 146 27.74 -7.94 11.32
N GLY A 147 28.05 -6.65 11.49
CA GLY A 147 29.12 -5.97 10.76
C GLY A 147 28.77 -5.48 9.36
N GLU A 148 27.48 -5.54 8.99
CA GLU A 148 27.02 -5.17 7.64
C GLU A 148 26.78 -3.67 7.44
N ILE A 149 26.64 -2.93 8.54
CA ILE A 149 26.78 -1.47 8.51
C ILE A 149 27.72 -1.05 9.64
N PRO A 150 28.45 0.06 9.46
CA PRO A 150 29.48 0.41 10.44
C PRO A 150 28.97 0.98 11.76
N GLN A 151 27.75 1.52 11.79
CA GLN A 151 27.17 2.15 13.00
C GLN A 151 25.69 1.89 13.07
N PRO A 152 25.13 1.71 14.29
CA PRO A 152 23.70 1.61 14.33
C PRO A 152 23.04 2.97 14.25
N TYR A 153 21.73 2.91 14.13
CA TYR A 153 20.90 4.09 13.98
C TYR A 153 20.03 4.29 15.21
N LYS A 154 19.68 5.55 15.44
CA LYS A 154 18.66 5.92 16.39
C LYS A 154 17.57 6.66 15.61
N ILE A 155 16.34 6.15 15.75
CA ILE A 155 15.17 6.72 15.06
C ILE A 155 14.15 7.16 16.11
N THR A 156 13.81 8.44 16.07
CA THR A 156 12.81 8.99 17.02
C THR A 156 11.59 9.51 16.28
N PHE A 157 10.43 9.41 16.92
CA PHE A 157 9.21 9.92 16.35
C PHE A 157 8.58 10.88 17.33
N ASN A 158 8.21 12.06 16.84
CA ASN A 158 7.65 13.12 17.66
C ASN A 158 6.40 13.63 16.96
N VAL A 159 5.42 14.07 17.73
CA VAL A 159 4.18 14.63 17.18
C VAL A 159 4.04 16.05 17.75
N VAL A 160 3.78 17.00 16.87
CA VAL A 160 3.40 18.35 17.22
C VAL A 160 1.89 18.43 16.97
N ALA A 161 1.12 18.58 18.03
CA ALA A 161 -0.36 18.63 17.93
C ALA A 161 -0.81 20.06 18.18
N VAL A 162 -1.40 20.66 17.15
CA VAL A 162 -1.85 22.04 17.17
C VAL A 162 -3.38 22.00 17.35
N ARG A 163 -3.86 22.71 18.35
CA ARG A 163 -5.31 22.76 18.61
C ARG A 163 -6.02 23.51 17.48
N THR A 164 -7.25 23.07 17.18
CA THR A 164 -8.06 23.71 16.14
C THR A 164 -8.38 25.17 16.48
N ASP A 165 -8.58 25.42 17.78
CA ASP A 165 -8.94 26.73 18.31
C ASP A 165 -7.78 27.23 19.18
N GLY A 166 -7.41 28.49 19.03
CA GLY A 166 -6.37 29.09 19.88
C GLY A 166 -4.93 28.73 19.49
N SER A 167 -3.99 29.21 20.30
CA SER A 167 -2.56 29.14 19.97
C SER A 167 -1.78 28.11 20.80
N ASN A 168 -2.48 27.09 21.32
CA ASN A 168 -1.86 26.09 22.19
C ASN A 168 -1.43 24.85 21.42
N ILE A 169 -0.24 24.36 21.74
CA ILE A 169 0.29 23.20 21.04
C ILE A 169 0.89 22.24 22.04
N THR A 170 0.71 20.97 21.76
CA THR A 170 1.22 19.89 22.57
C THR A 170 2.29 19.16 21.80
N THR A 171 3.45 18.96 22.42
CA THR A 171 4.54 18.22 21.80
C THR A 171 4.61 16.89 22.52
N GLN A 172 4.50 15.83 21.75
CA GLN A 172 4.78 14.51 22.24
C GLN A 172 6.14 14.00 21.73
N TRP A 173 7.10 13.91 22.64
CA TRP A 173 8.39 13.26 22.38
C TRP A 173 8.22 11.76 22.70
N PRO A 174 9.22 10.92 22.37
CA PRO A 174 8.96 9.50 22.63
C PRO A 174 8.61 9.13 24.09
N SER A 175 9.21 9.80 25.08
CA SER A 175 9.04 9.45 26.50
C SER A 175 8.22 10.44 27.35
N ARG A 176 7.80 11.55 26.76
CA ARG A 176 7.07 12.58 27.53
C ARG A 176 6.28 13.53 26.64
N ARG A 177 5.30 14.15 27.28
CA ARG A 177 4.44 15.11 26.65
C ARG A 177 4.62 16.49 27.28
N ASN A 178 4.52 17.54 26.48
CA ASN A 178 4.43 18.90 27.01
C ASN A 178 3.27 19.60 26.31
N ASP A 179 2.25 19.97 27.07
CA ASP A 179 1.16 20.78 26.57
C ASP A 179 1.65 22.23 26.64
N GLY A 180 1.10 23.10 25.82
CA GLY A 180 1.64 24.47 25.78
C GLY A 180 0.59 25.43 25.34
N GLY B 1 -2.06 -40.26 -16.22
CA GLY B 1 -2.19 -39.36 -15.01
C GLY B 1 -2.91 -40.06 -13.87
N MET B 2 -4.17 -40.39 -14.09
CA MET B 2 -4.98 -41.20 -13.16
C MET B 2 -4.69 -42.72 -13.24
N ASP B 3 -3.88 -43.15 -14.23
CA ASP B 3 -3.54 -44.57 -14.42
C ASP B 3 -2.80 -45.04 -13.21
N LYS B 4 -1.80 -44.27 -12.91
CA LYS B 4 -0.95 -44.40 -11.78
C LYS B 4 -1.76 -44.54 -10.47
N TYR B 5 -2.72 -43.67 -10.31
CA TYR B 5 -3.54 -43.64 -9.12
C TYR B 5 -4.55 -44.78 -9.05
N ARG B 6 -5.06 -45.21 -10.20
CA ARG B 6 -5.88 -46.41 -10.25
C ARG B 6 -5.11 -47.62 -9.75
N GLU B 7 -3.88 -47.75 -10.22
CA GLU B 7 -3.02 -48.87 -9.83
C GLU B 7 -2.65 -48.83 -8.34
N ILE B 8 -2.29 -47.64 -7.84
CA ILE B 8 -2.00 -47.47 -6.43
C ILE B 8 -3.23 -47.83 -5.62
N HIS B 9 -4.38 -47.28 -6.01
CA HIS B 9 -5.63 -47.50 -5.28
C HIS B 9 -5.88 -48.99 -5.13
N ASN B 10 -5.73 -49.73 -6.22
CA ASN B 10 -6.05 -51.17 -6.18
C ASN B 10 -5.08 -52.02 -5.36
N LYS B 11 -3.92 -51.45 -5.04
CA LYS B 11 -2.99 -52.09 -4.10
C LYS B 11 -3.29 -51.81 -2.63
N LEU B 12 -4.21 -50.89 -2.35
CA LEU B 12 -4.57 -50.58 -0.96
C LEU B 12 -5.35 -51.73 -0.31
N LYS B 13 -6.10 -52.47 -1.14
CA LYS B 13 -6.80 -53.70 -0.72
C LYS B 13 -7.74 -53.41 0.46
N GLU B 14 -7.50 -53.99 1.65
CA GLU B 14 -8.38 -53.74 2.81
C GLU B 14 -8.48 -52.27 3.20
N PHE B 15 -7.46 -51.47 2.90
CA PHE B 15 -7.47 -50.06 3.28
C PHE B 15 -8.15 -49.14 2.28
N SER B 16 -8.59 -49.69 1.14
CA SER B 16 -9.59 -49.00 0.34
C SER B 16 -10.46 -50.03 -0.37
N PRO B 17 -11.45 -50.58 0.38
CA PRO B 17 -12.16 -51.73 -0.15
C PRO B 17 -13.17 -51.44 -1.25
N GLY B 18 -13.50 -50.17 -1.48
CA GLY B 18 -14.38 -49.78 -2.59
C GLY B 18 -13.62 -49.41 -3.85
N THR B 19 -14.10 -49.88 -5.00
CA THR B 19 -13.62 -49.44 -6.31
C THR B 19 -13.55 -47.91 -6.41
N LEU B 20 -12.51 -47.41 -7.08
CA LEU B 20 -12.33 -45.97 -7.25
C LEU B 20 -13.56 -45.35 -7.94
N THR B 21 -14.12 -44.28 -7.37
CA THR B 21 -15.31 -43.60 -7.90
C THR B 21 -15.01 -42.41 -8.81
N ALA B 22 -15.99 -42.00 -9.61
CA ALA B 22 -15.81 -40.87 -10.53
C ALA B 22 -15.56 -39.58 -9.75
N VAL B 23 -16.33 -39.36 -8.69
CA VAL B 23 -16.23 -38.15 -7.87
C VAL B 23 -14.85 -38.09 -7.24
N GLU B 24 -14.34 -39.21 -6.76
CA GLU B 24 -12.93 -39.27 -6.23
C GLU B 24 -11.93 -38.83 -7.26
N CYS B 25 -12.03 -39.43 -8.44
CA CYS B 25 -11.08 -39.17 -9.51
C CYS B 25 -11.05 -37.72 -9.93
N ILE B 26 -12.23 -37.10 -9.96
CA ILE B 26 -12.34 -35.70 -10.32
C ILE B 26 -11.64 -34.85 -9.27
N ASP B 27 -11.88 -35.15 -7.99
CA ASP B 27 -11.19 -34.47 -6.88
C ASP B 27 -9.68 -34.63 -6.98
N TYR B 28 -9.24 -35.85 -7.27
CA TYR B 28 -7.79 -36.12 -7.32
C TYR B 28 -7.17 -35.40 -8.51
N LEU B 29 -7.84 -35.41 -9.66
CA LEU B 29 -7.38 -34.59 -10.81
C LEU B 29 -7.25 -33.10 -10.46
N ASP B 30 -8.24 -32.56 -9.78
CA ASP B 30 -8.23 -31.18 -9.33
C ASP B 30 -7.03 -30.90 -8.43
N ARG B 31 -6.71 -31.83 -7.53
CA ARG B 31 -5.51 -31.70 -6.69
C ARG B 31 -4.24 -31.67 -7.52
N LEU B 32 -4.19 -32.51 -8.54
CA LEU B 32 -3.02 -32.55 -9.44
C LEU B 32 -2.88 -31.26 -10.25
N TYR B 33 -3.99 -30.72 -10.73
CA TYR B 33 -3.99 -29.42 -11.44
C TYR B 33 -3.56 -28.25 -10.58
N ALA B 34 -3.97 -28.27 -9.30
CA ALA B 34 -3.61 -27.23 -8.36
C ALA B 34 -2.09 -27.23 -8.13
N VAL B 35 -1.49 -28.42 -8.06
CA VAL B 35 -0.05 -28.51 -7.85
C VAL B 35 0.71 -28.11 -9.10
N ARG B 36 0.17 -28.46 -10.27
CA ARG B 36 0.76 -27.98 -11.52
C ARG B 36 0.72 -26.46 -11.57
N HIS B 37 -0.39 -25.87 -11.17
CA HIS B 37 -0.48 -24.42 -11.13
C HIS B 37 0.61 -23.83 -10.24
N ASP B 38 0.70 -24.37 -9.04
CA ASP B 38 1.64 -23.85 -8.05
C ASP B 38 3.10 -24.03 -8.45
N ILE B 39 3.43 -25.14 -9.09
CA ILE B 39 4.80 -25.33 -9.56
C ILE B 39 5.14 -24.30 -10.64
N VAL B 40 4.25 -24.12 -11.61
CA VAL B 40 4.53 -23.14 -12.70
C VAL B 40 4.59 -21.72 -12.13
N ASP B 41 3.72 -21.43 -11.17
CA ASP B 41 3.74 -20.16 -10.47
C ASP B 41 5.08 -19.96 -9.75
N GLN B 42 5.55 -20.99 -9.07
CA GLN B 42 6.87 -20.95 -8.43
C GLN B 42 8.02 -20.70 -9.42
N MET B 43 7.92 -21.29 -10.61
CA MET B 43 8.94 -21.10 -11.66
C MET B 43 9.08 -19.63 -12.04
N ILE B 44 7.95 -18.96 -12.19
CA ILE B 44 7.89 -17.53 -12.50
C ILE B 44 8.42 -16.69 -11.33
N LYS B 45 8.02 -17.09 -10.11
CA LYS B 45 8.48 -16.41 -8.91
C LYS B 45 9.99 -16.52 -8.72
N HIS B 46 10.57 -17.65 -9.13
CA HIS B 46 12.01 -17.87 -8.93
C HIS B 46 12.85 -16.79 -9.62
N ASP B 47 12.51 -16.46 -10.86
CA ASP B 47 13.40 -15.58 -11.65
C ASP B 47 12.72 -14.44 -12.42
N TRP B 48 11.43 -14.19 -12.15
CA TRP B 48 10.74 -13.04 -12.76
C TRP B 48 10.05 -12.14 -11.72
N SER B 49 9.23 -12.71 -10.84
CA SER B 49 8.34 -11.93 -10.00
C SER B 49 9.09 -11.15 -8.93
N ASP B 50 8.55 -9.98 -8.58
CA ASP B 50 9.00 -9.23 -7.41
C ASP B 50 8.54 -9.95 -6.16
N ASN B 51 7.35 -10.57 -6.23
CA ASN B 51 6.76 -11.28 -5.10
C ASN B 51 7.20 -12.75 -5.12
N LYS B 52 8.25 -13.05 -4.38
CA LYS B 52 8.87 -14.38 -4.41
C LYS B 52 8.09 -15.39 -3.57
N ASP B 53 7.26 -14.93 -2.63
CA ASP B 53 6.60 -15.82 -1.66
C ASP B 53 5.13 -16.08 -1.99
N SER B 54 4.33 -15.04 -2.09
CA SER B 54 2.91 -15.23 -2.39
C SER B 54 2.36 -14.13 -3.27
N GLU B 55 1.18 -14.40 -3.81
CA GLU B 55 0.40 -13.39 -4.56
C GLU B 55 0.05 -12.19 -3.68
N GLU B 56 -0.05 -11.03 -4.31
CA GLU B 56 -0.22 -9.78 -3.61
C GLU B 56 -1.46 -9.06 -4.10
N ALA B 57 -2.15 -8.34 -3.21
CA ALA B 57 -3.32 -7.55 -3.60
C ALA B 57 -2.92 -6.37 -4.52
N ILE B 58 -3.74 -6.11 -5.53
CA ILE B 58 -3.49 -5.02 -6.49
C ILE B 58 -3.29 -3.66 -5.79
N GLY B 59 -4.10 -3.35 -4.79
CA GLY B 59 -3.97 -2.08 -4.05
C GLY B 59 -2.60 -1.92 -3.41
N LYS B 60 -2.08 -3.03 -2.91
CA LYS B 60 -0.77 -3.08 -2.27
C LYS B 60 0.37 -2.90 -3.29
N VAL B 61 0.23 -3.55 -4.44
CA VAL B 61 1.18 -3.38 -5.54
C VAL B 61 1.27 -1.91 -5.96
N LEU B 62 0.12 -1.23 -6.05
CA LEU B 62 0.10 0.20 -6.38
C LEU B 62 0.90 1.02 -5.39
N LEU B 63 0.71 0.75 -4.11
CA LEU B 63 1.49 1.40 -3.05
C LEU B 63 2.99 1.11 -3.22
N PHE B 64 3.35 -0.15 -3.44
CA PHE B 64 4.73 -0.53 -3.68
C PHE B 64 5.34 0.17 -4.89
N ALA B 65 4.50 0.43 -5.91
CA ALA B 65 4.94 1.12 -7.11
C ALA B 65 5.00 2.65 -6.99
N GLY B 66 4.66 3.19 -5.81
CA GLY B 66 4.78 4.62 -5.54
C GLY B 66 3.52 5.43 -5.70
N VAL B 67 2.36 4.79 -5.84
CA VAL B 67 1.11 5.52 -5.92
C VAL B 67 0.79 6.02 -4.50
N PRO B 68 0.57 7.34 -4.33
CA PRO B 68 0.29 7.82 -2.97
C PRO B 68 -0.98 7.23 -2.37
N SER B 69 -0.97 7.04 -1.06
CA SER B 69 -2.10 6.46 -0.36
C SER B 69 -3.39 7.28 -0.56
N ASN B 70 -3.29 8.60 -0.62
CA ASN B 70 -4.48 9.45 -0.88
C ASN B 70 -5.08 9.22 -2.27
N ILE B 71 -4.23 8.95 -3.25
CA ILE B 71 -4.67 8.65 -4.63
C ILE B 71 -5.41 7.30 -4.63
N ILE B 72 -4.85 6.32 -3.94
CA ILE B 72 -5.49 5.00 -3.84
C ILE B 72 -6.87 5.15 -3.20
N THR B 73 -6.96 5.92 -2.12
CA THR B 73 -8.25 6.16 -1.47
C THR B 73 -9.26 6.80 -2.43
N ALA B 74 -8.85 7.83 -3.16
CA ALA B 74 -9.68 8.50 -4.16
C ALA B 74 -10.20 7.52 -5.21
N LEU B 75 -9.34 6.60 -5.64
CA LEU B 75 -9.69 5.62 -6.68
C LEU B 75 -10.76 4.60 -6.24
N GLU B 76 -10.78 4.27 -4.95
CA GLU B 76 -11.64 3.19 -4.41
C GLU B 76 -13.12 3.24 -4.76
N LYS B 77 -13.59 4.44 -4.91
CA LYS B 77 -15.01 4.63 -5.07
C LYS B 77 -15.47 4.54 -6.50
N LYS B 78 -14.55 4.56 -7.41
CA LYS B 78 -14.87 4.57 -8.82
C LYS B 78 -15.32 3.18 -9.26
N ILE B 79 -16.27 3.13 -10.18
CA ILE B 79 -16.78 1.89 -10.74
C ILE B 79 -16.08 1.63 -12.08
N ILE B 80 -15.60 0.41 -12.27
CA ILE B 80 -14.83 0.03 -13.45
C ILE B 80 -15.76 0.03 -14.65
N PRO B 81 -15.47 0.83 -15.70
CA PRO B 81 -16.31 0.75 -16.90
C PRO B 81 -16.24 -0.60 -17.61
N ASN B 82 -17.40 -1.04 -18.00
CA ASN B 82 -17.60 -2.29 -18.68
C ASN B 82 -17.06 -3.51 -17.91
N HIS B 83 -17.14 -3.48 -16.59
CA HIS B 83 -16.82 -4.64 -15.78
C HIS B 83 -18.06 -5.57 -15.82
N PRO B 84 -17.86 -6.89 -15.96
CA PRO B 84 -19.02 -7.80 -16.08
C PRO B 84 -20.01 -7.87 -14.89
N THR B 85 -19.56 -7.46 -13.72
CA THR B 85 -20.41 -7.29 -12.52
C THR B 85 -20.40 -5.89 -11.87
N GLY B 86 -19.95 -4.87 -12.60
CA GLY B 86 -19.96 -3.48 -12.07
C GLY B 86 -19.12 -3.27 -10.80
N LYS B 87 -18.00 -3.98 -10.73
CA LYS B 87 -17.13 -3.98 -9.55
C LYS B 87 -16.45 -2.64 -9.38
N SER B 88 -16.33 -2.21 -8.12
CA SER B 88 -15.66 -0.96 -7.78
C SER B 88 -14.16 -1.21 -7.65
N LEU B 89 -13.37 -0.17 -7.76
CA LEU B 89 -11.93 -0.32 -7.53
C LEU B 89 -11.59 -0.72 -6.09
N LYS B 90 -12.41 -0.33 -5.11
CA LYS B 90 -12.22 -0.82 -3.73
C LYS B 90 -12.19 -2.36 -3.67
N ALA B 91 -13.11 -3.01 -4.38
CA ALA B 91 -13.17 -4.46 -4.42
C ALA B 91 -12.02 -5.00 -5.28
N PHE B 92 -11.83 -4.40 -6.45
CA PHE B 92 -10.79 -4.82 -7.38
C PHE B 92 -9.38 -4.77 -6.78
N PHE B 93 -9.12 -3.75 -5.95
CA PHE B 93 -7.83 -3.62 -5.26
C PHE B 93 -7.50 -4.77 -4.30
N LYS B 94 -8.52 -5.51 -3.86
CA LYS B 94 -8.31 -6.69 -3.00
C LYS B 94 -7.89 -7.94 -3.75
N MET B 95 -8.09 -7.94 -5.06
CA MET B 95 -7.81 -9.13 -5.85
C MET B 95 -6.31 -9.30 -6.03
N THR B 96 -5.92 -10.55 -6.20
CA THR B 96 -4.52 -10.98 -6.05
C THR B 96 -4.03 -11.79 -7.26
N PRO B 97 -3.64 -11.09 -8.33
CA PRO B 97 -3.04 -11.81 -9.45
C PRO B 97 -1.77 -12.55 -8.97
N ASP B 98 -1.42 -13.63 -9.63
CA ASP B 98 -0.34 -14.50 -9.14
C ASP B 98 1.00 -13.81 -8.95
N ASN B 99 1.39 -13.01 -9.94
CA ASN B 99 2.73 -12.46 -10.03
C ASN B 99 2.68 -11.01 -10.49
N TYR B 100 3.59 -10.21 -9.94
CA TYR B 100 3.81 -8.86 -10.43
C TYR B 100 5.30 -8.52 -10.49
N LYS B 101 5.62 -7.54 -11.32
CA LYS B 101 6.97 -7.00 -11.40
C LYS B 101 6.83 -5.51 -11.64
N ILE B 102 7.47 -4.70 -10.80
CA ILE B 102 7.45 -3.25 -10.93
C ILE B 102 8.79 -2.83 -11.54
N SER B 103 8.74 -2.04 -12.61
CA SER B 103 9.92 -1.42 -13.20
C SER B 103 9.61 0.06 -13.30
N GLY B 104 9.96 0.80 -12.25
CA GLY B 104 9.61 2.23 -12.15
C GLY B 104 8.12 2.41 -12.00
N THR B 105 7.47 3.06 -12.97
CA THR B 105 6.01 3.18 -12.98
C THR B 105 5.37 2.24 -14.00
N THR B 106 6.12 1.25 -14.51
CA THR B 106 5.52 0.14 -15.21
C THR B 106 5.27 -1.00 -14.26
N ILE B 107 4.03 -1.49 -14.24
CA ILE B 107 3.64 -2.60 -13.39
C ILE B 107 3.13 -3.70 -14.29
N GLU B 108 3.80 -4.85 -14.26
CA GLU B 108 3.41 -6.01 -15.05
C GLU B 108 2.79 -7.05 -14.13
N PHE B 109 1.66 -7.60 -14.54
CA PHE B 109 1.00 -8.69 -13.82
C PHE B 109 1.00 -9.93 -14.71
N VAL B 110 1.27 -11.08 -14.10
CA VAL B 110 1.20 -12.38 -14.79
C VAL B 110 0.38 -13.34 -13.95
N GLU B 111 -0.73 -13.81 -14.55
CA GLU B 111 -1.64 -14.76 -13.91
C GLU B 111 -1.45 -16.10 -14.55
N VAL B 112 -1.28 -17.13 -13.72
CA VAL B 112 -1.18 -18.53 -14.17
C VAL B 112 -2.56 -19.19 -14.11
N THR B 113 -2.92 -19.90 -15.17
CA THR B 113 -4.09 -20.77 -15.15
C THR B 113 -3.75 -22.17 -15.68
N VAL B 114 -4.31 -23.19 -15.03
CA VAL B 114 -4.20 -24.56 -15.51
C VAL B 114 -5.60 -24.94 -15.96
N THR B 115 -5.74 -25.27 -17.23
CA THR B 115 -7.07 -25.41 -17.85
C THR B 115 -7.06 -26.46 -18.97
N ALA B 116 -8.19 -27.11 -19.15
CA ALA B 116 -8.37 -28.08 -20.23
C ALA B 116 -8.56 -27.36 -21.58
N ASP B 117 -9.01 -26.10 -21.51
CA ASP B 117 -9.32 -25.28 -22.69
C ASP B 117 -8.57 -23.93 -22.53
N VAL B 118 -7.40 -23.82 -23.16
CA VAL B 118 -6.55 -22.63 -23.04
C VAL B 118 -7.28 -21.32 -23.42
N ASP B 119 -8.01 -21.34 -24.52
CA ASP B 119 -8.72 -20.15 -24.99
C ASP B 119 -9.74 -19.68 -23.94
N LYS B 120 -10.45 -20.64 -23.35
CA LYS B 120 -11.42 -20.38 -22.30
C LYS B 120 -10.74 -19.84 -21.04
N GLY B 121 -9.67 -20.51 -20.62
CA GLY B 121 -8.89 -20.11 -19.43
C GLY B 121 -8.30 -18.70 -19.52
N ILE B 122 -7.71 -18.39 -20.67
CA ILE B 122 -7.22 -17.05 -20.94
C ILE B 122 -8.37 -16.02 -20.89
N ARG B 123 -9.47 -16.32 -21.60
CA ARG B 123 -10.62 -15.42 -21.63
C ARG B 123 -11.16 -15.16 -20.21
N GLU B 124 -11.25 -16.21 -19.39
CA GLU B 124 -11.71 -16.12 -17.98
C GLU B 124 -10.85 -15.17 -17.15
N LYS B 125 -9.53 -15.33 -17.28
CA LYS B 125 -8.59 -14.50 -16.52
C LYS B 125 -8.59 -13.03 -16.99
N LYS B 126 -8.61 -12.82 -18.30
CA LYS B 126 -8.78 -11.47 -18.86
C LYS B 126 -10.09 -10.82 -18.39
N LEU B 127 -11.18 -11.60 -18.36
CA LEU B 127 -12.48 -11.08 -17.90
C LEU B 127 -12.43 -10.62 -16.44
N LYS B 128 -11.62 -11.30 -15.64
CA LYS B 128 -11.45 -11.01 -14.24
C LYS B 128 -10.64 -9.73 -14.03
N TYR B 129 -9.57 -9.54 -14.79
CA TYR B 129 -8.56 -8.51 -14.47
C TYR B 129 -8.39 -7.36 -15.44
N GLU B 130 -8.70 -7.56 -16.71
CA GLU B 130 -8.22 -6.63 -17.72
C GLU B 130 -8.89 -5.27 -17.69
N ALA B 131 -10.23 -5.24 -17.58
CA ALA B 131 -10.96 -3.96 -17.51
C ALA B 131 -10.51 -3.11 -16.32
N GLY B 132 -10.33 -3.77 -15.18
CA GLY B 132 -9.95 -3.10 -13.94
C GLY B 132 -8.57 -2.49 -14.04
N LEU B 133 -7.62 -3.26 -14.56
CA LEU B 133 -6.23 -2.78 -14.69
C LEU B 133 -6.11 -1.66 -15.70
N THR B 134 -6.85 -1.78 -16.81
CA THR B 134 -6.92 -0.72 -17.83
C THR B 134 -7.46 0.58 -17.22
N TYR B 135 -8.53 0.45 -16.44
CA TYR B 135 -9.16 1.59 -15.81
C TYR B 135 -8.23 2.28 -14.81
N ILE B 136 -7.55 1.47 -14.00
CA ILE B 136 -6.54 2.02 -13.07
C ILE B 136 -5.50 2.87 -13.85
N GLU B 137 -4.97 2.32 -14.93
CA GLU B 137 -4.02 3.07 -15.77
C GLU B 137 -4.59 4.40 -16.26
N GLN B 138 -5.81 4.38 -16.75
CA GLN B 138 -6.48 5.59 -17.24
C GLN B 138 -6.61 6.67 -16.14
N GLU B 139 -7.04 6.24 -14.96
CA GLU B 139 -7.28 7.14 -13.84
C GLU B 139 -5.99 7.68 -13.25
N LEU B 140 -4.97 6.83 -13.15
CA LEU B 140 -3.66 7.31 -12.72
C LEU B 140 -3.11 8.35 -13.69
N HIS B 141 -3.34 8.15 -14.97
CA HIS B 141 -2.86 9.11 -15.97
C HIS B 141 -3.52 10.48 -15.79
N LYS B 142 -4.81 10.49 -15.49
CA LYS B 142 -5.53 11.75 -15.20
C LYS B 142 -4.88 12.49 -14.05
N PHE B 143 -4.52 11.77 -12.99
CA PHE B 143 -3.82 12.36 -11.85
C PHE B 143 -2.47 12.95 -12.25
N PHE B 144 -1.74 12.24 -13.11
CA PHE B 144 -0.50 12.77 -13.68
C PHE B 144 -0.71 14.06 -14.48
N LEU B 145 -1.73 14.07 -15.33
CA LEU B 145 -2.02 15.26 -16.17
C LEU B 145 -2.43 16.47 -15.33
N LYS B 146 -3.06 16.23 -14.19
CA LYS B 146 -3.37 17.27 -13.19
C LYS B 146 -2.18 17.72 -12.32
N GLY B 147 -1.03 17.05 -12.43
CA GLY B 147 0.14 17.34 -11.62
C GLY B 147 0.16 16.73 -10.22
N GLU B 148 -0.77 15.84 -9.93
CA GLU B 148 -0.90 15.23 -8.58
C GLU B 148 0.02 14.02 -8.35
N ILE B 149 0.53 13.45 -9.43
CA ILE B 149 1.66 12.51 -9.36
C ILE B 149 2.68 12.92 -10.42
N PRO B 150 3.97 12.66 -10.18
CA PRO B 150 5.00 13.15 -11.10
C PRO B 150 5.13 12.41 -12.43
N GLN B 151 4.67 11.16 -12.50
CA GLN B 151 4.79 10.33 -13.71
C GLN B 151 3.57 9.44 -13.87
N PRO B 152 3.14 9.20 -15.12
CA PRO B 152 2.06 8.23 -15.24
C PRO B 152 2.58 6.81 -15.13
N TYR B 153 1.63 5.89 -15.09
CA TYR B 153 1.91 4.48 -14.94
C TYR B 153 1.53 3.73 -16.19
N LYS B 154 2.23 2.62 -16.43
CA LYS B 154 1.85 1.65 -17.46
C LYS B 154 1.57 0.35 -16.72
N ILE B 155 0.38 -0.21 -16.93
CA ILE B 155 -0.04 -1.45 -16.29
C ILE B 155 -0.35 -2.50 -17.36
N THR B 156 0.35 -3.63 -17.32
CA THR B 156 0.13 -4.72 -18.29
C THR B 156 -0.37 -5.99 -17.60
N PHE B 157 -1.17 -6.76 -18.32
CA PHE B 157 -1.71 -8.01 -17.79
C PHE B 157 -1.40 -9.12 -18.78
N ASN B 158 -0.83 -10.21 -18.29
CA ASN B 158 -0.43 -11.35 -19.11
C ASN B 158 -1.01 -12.59 -18.44
N VAL B 159 -1.33 -13.60 -19.25
CA VAL B 159 -1.81 -14.89 -18.75
C VAL B 159 -0.89 -15.97 -19.30
N VAL B 160 -0.42 -16.82 -18.39
CA VAL B 160 0.31 -18.03 -18.73
C VAL B 160 -0.69 -19.17 -18.56
N ALA B 161 -1.08 -19.82 -19.66
CA ALA B 161 -2.08 -20.91 -19.61
C ALA B 161 -1.38 -22.22 -19.83
N VAL B 162 -1.46 -23.10 -18.84
CA VAL B 162 -0.79 -24.39 -18.85
C VAL B 162 -1.88 -25.44 -19.08
N ARG B 163 -1.66 -26.30 -20.05
CA ARG B 163 -2.62 -27.37 -20.35
C ARG B 163 -2.64 -28.39 -19.21
N THR B 164 -3.81 -28.96 -18.96
CA THR B 164 -3.98 -30.00 -17.93
C THR B 164 -3.13 -31.25 -18.21
N ASP B 165 -2.99 -31.57 -19.49
CA ASP B 165 -2.16 -32.68 -19.94
C ASP B 165 -1.00 -32.15 -20.77
N ILE B 169 2.28 -24.88 -23.20
CA ILE B 169 1.76 -23.68 -22.57
C ILE B 169 1.55 -22.57 -23.59
N THR B 170 0.50 -21.78 -23.33
CA THR B 170 0.14 -20.65 -24.16
C THR B 170 0.33 -19.37 -23.35
N THR B 171 1.03 -18.40 -23.92
CA THR B 171 1.21 -17.09 -23.29
C THR B 171 0.38 -16.09 -24.08
N GLN B 172 -0.47 -15.33 -23.39
CA GLN B 172 -1.17 -14.19 -23.99
C GLN B 172 -0.81 -12.93 -23.20
#